data_6EMM
#
_entry.id   6EMM
#
_cell.length_a   129.789
_cell.length_b   129.789
_cell.length_c   129.789
_cell.angle_alpha   90.00
_cell.angle_beta   90.00
_cell.angle_gamma   90.00
#
_symmetry.space_group_name_H-M   'I 2 3'
#
loop_
_entity.id
_entity.type
_entity.pdbx_description
1 polymer '17-beta-hydroxysteroid dehydrogenase 14'
2 non-polymer NICOTINAMIDE-ADENINE-DINUCLEOTIDE
3 non-polymer DI(HYDROXYETHYL)ETHER
4 non-polymer '2-HYDROXYBENZOIC ACID'
5 non-polymer 'TETRAETHYLENE GLYCOL'
6 water water
#
_entity_poly.entity_id   1
_entity_poly.type   'polypeptide(L)'
_entity_poly.pdbx_seq_one_letter_code
;GHMATGTRYAGKVVVVTGGGRGIGAGIVRAFVNSGARVVICDKDESGGRALEQELPGAVFILCDVTQEDDVKTLVSETIR
RFGRLDCVVNNAGHHPPPQRPEETSAQGFRQLLELNLLGTYTLTKLALPYLRKSQGNVINISSLVGAIGQAQAVPYVATK
GAVTAMTKALALDESPYGVRVNCISPGNIWTPLWEELAALMPDPRATIREGMLAQPLGRMGQPAEVGAAAVFLASEANFC
TGIELLVTGGAELGYGCKASRSTPVDAPDIPSGS
;
_entity_poly.pdbx_strand_id   A
#
loop_
_chem_comp.id
_chem_comp.type
_chem_comp.name
_chem_comp.formula
NAD non-polymer NICOTINAMIDE-ADENINE-DINUCLEOTIDE 'C21 H27 N7 O14 P2'
PEG non-polymer DI(HYDROXYETHYL)ETHER 'C4 H10 O3'
PG4 non-polymer 'TETRAETHYLENE GLYCOL' 'C8 H18 O5'
SAL non-polymer '2-HYDROXYBENZOIC ACID' 'C7 H6 O3'
#
# COMPACT_ATOMS: atom_id res chain seq x y z
N GLY A 6 18.00 15.36 -6.25
CA GLY A 6 16.65 15.33 -6.81
C GLY A 6 15.79 16.52 -6.41
N THR A 7 15.00 17.01 -7.37
CA THR A 7 14.15 18.15 -7.05
C THR A 7 12.72 18.01 -7.56
N ARG A 8 12.27 16.80 -7.93
CA ARG A 8 10.97 16.68 -8.57
C ARG A 8 9.81 16.96 -7.63
N TYR A 9 10.03 16.93 -6.32
CA TYR A 9 8.94 17.19 -5.37
C TYR A 9 9.45 18.04 -4.21
N ALA A 10 10.25 19.05 -4.54
CA ALA A 10 11.03 19.82 -3.57
C ALA A 10 10.13 20.66 -2.65
N GLY A 11 10.24 20.44 -1.34
CA GLY A 11 9.53 21.24 -0.38
C GLY A 11 8.07 20.88 -0.19
N LYS A 12 7.52 19.99 -1.01
CA LYS A 12 6.20 19.47 -0.73
C LYS A 12 6.23 18.68 0.58
N VAL A 13 5.09 18.71 1.27
CA VAL A 13 4.93 18.02 2.54
C VAL A 13 4.15 16.73 2.27
N VAL A 14 4.72 15.61 2.68
CA VAL A 14 4.22 14.28 2.36
C VAL A 14 4.05 13.51 3.66
N VAL A 15 2.92 12.85 3.82
CA VAL A 15 2.68 11.95 4.94
C VAL A 15 2.66 10.53 4.39
N VAL A 16 3.43 9.65 4.99
CA VAL A 16 3.44 8.24 4.61
C VAL A 16 3.07 7.42 5.83
N THR A 17 1.91 6.76 5.77
CA THR A 17 1.53 5.87 6.86
C THR A 17 2.24 4.53 6.68
N GLY A 18 2.53 3.89 7.81
CA GLY A 18 3.28 2.65 7.75
C GLY A 18 4.64 2.82 7.10
N GLY A 19 5.22 4.00 7.22
CA GLY A 19 6.47 4.34 6.58
C GLY A 19 7.70 3.83 7.28
N GLY A 20 7.54 3.05 8.35
CA GLY A 20 8.67 2.65 9.17
C GLY A 20 9.48 1.48 8.65
N ARG A 21 8.94 0.70 7.70
CA ARG A 21 9.67 -0.43 7.14
C ARG A 21 8.98 -0.84 5.85
N GLY A 22 9.52 -1.87 5.21
CA GLY A 22 8.89 -2.43 4.03
C GLY A 22 8.63 -1.41 2.95
N ILE A 23 7.44 -1.50 2.35
CA ILE A 23 7.11 -0.63 1.23
C ILE A 23 6.99 0.82 1.69
N GLY A 24 6.47 1.04 2.89
CA GLY A 24 6.36 2.40 3.39
C GLY A 24 7.71 3.10 3.47
N ALA A 25 8.74 2.39 3.94
CA ALA A 25 10.06 2.99 4.02
C ALA A 25 10.64 3.22 2.64
N GLY A 26 10.40 2.29 1.71
CA GLY A 26 10.76 2.53 0.33
C GLY A 26 10.20 3.84 -0.20
N ILE A 27 8.91 4.07 0.06
CA ILE A 27 8.27 5.31 -0.39
C ILE A 27 8.85 6.52 0.32
N VAL A 28 9.10 6.39 1.63
CA VAL A 28 9.67 7.51 2.40
C VAL A 28 11.01 7.92 1.80
N ARG A 29 11.90 6.95 1.56
CA ARG A 29 13.20 7.29 0.99
C ARG A 29 13.06 7.93 -0.38
N ALA A 30 12.13 7.42 -1.19
CA ALA A 30 11.94 7.96 -2.53
C ALA A 30 11.48 9.41 -2.50
N PHE A 31 10.58 9.75 -1.57
CA PHE A 31 10.14 11.15 -1.48
C PHE A 31 11.21 12.05 -0.88
N VAL A 32 11.87 11.61 0.21
CA VAL A 32 13.02 12.36 0.73
C VAL A 32 14.01 12.64 -0.40
N ASN A 33 14.37 11.60 -1.16
CA ASN A 33 15.26 11.74 -2.31
C ASN A 33 14.77 12.78 -3.31
N SER A 34 13.47 12.95 -3.43
CA SER A 34 12.95 13.93 -4.37
C SER A 34 12.91 15.33 -3.79
N GLY A 35 13.30 15.50 -2.54
CA GLY A 35 13.32 16.81 -1.92
C GLY A 35 12.13 17.15 -1.06
N ALA A 36 11.28 16.18 -0.73
CA ALA A 36 10.10 16.51 0.03
C ALA A 36 10.40 16.55 1.53
N ARG A 37 9.51 17.18 2.26
CA ARG A 37 9.40 16.99 3.70
C ARG A 37 8.47 15.79 3.94
N VAL A 38 8.99 14.74 4.58
CA VAL A 38 8.23 13.51 4.76
C VAL A 38 7.92 13.31 6.24
N VAL A 39 6.64 13.20 6.55
CA VAL A 39 6.17 12.84 7.89
C VAL A 39 5.93 11.33 7.89
N ILE A 40 6.83 10.57 8.53
CA ILE A 40 6.64 9.14 8.69
C ILE A 40 5.59 8.89 9.77
N CYS A 41 4.48 8.27 9.39
CA CYS A 41 3.47 7.86 10.35
C CYS A 41 3.54 6.35 10.50
N ASP A 42 3.72 5.87 11.73
CA ASP A 42 3.77 4.45 11.99
C ASP A 42 3.32 4.20 13.42
N LYS A 43 2.71 3.04 13.65
CA LYS A 43 2.36 2.64 15.01
C LYS A 43 3.57 2.09 15.78
N ASP A 44 4.62 1.67 15.08
CA ASP A 44 5.84 1.16 15.71
C ASP A 44 6.90 2.24 15.67
N GLU A 45 7.42 2.59 16.84
CA GLU A 45 8.40 3.67 16.92
C GLU A 45 9.79 3.25 16.47
N SER A 46 10.12 1.95 16.57
CA SER A 46 11.48 1.50 16.32
C SER A 46 11.94 1.85 14.91
N GLY A 47 11.23 1.35 13.90
CA GLY A 47 11.66 1.59 12.53
C GLY A 47 11.57 3.04 12.11
N GLY A 48 10.53 3.73 12.58
CA GLY A 48 10.32 5.12 12.17
C GLY A 48 11.36 6.06 12.74
N ARG A 49 11.60 6.00 14.06
CA ARG A 49 12.61 6.88 14.64
C ARG A 49 13.98 6.64 14.01
N ALA A 50 14.24 5.40 13.58
CA ALA A 50 15.49 5.09 12.90
C ALA A 50 15.59 5.84 11.57
N LEU A 51 14.54 5.80 10.77
CA LEU A 51 14.49 6.60 9.56
C LEU A 51 14.59 8.09 9.87
N GLU A 52 13.85 8.56 10.89
CA GLU A 52 13.87 9.97 11.24
C GLU A 52 15.28 10.44 11.53
N GLN A 53 16.06 9.63 12.24
CA GLN A 53 17.44 9.99 12.54
C GLN A 53 18.32 9.87 11.31
N GLU A 54 18.08 8.86 10.46
CA GLU A 54 18.95 8.67 9.31
C GLU A 54 18.67 9.71 8.22
N LEU A 55 17.41 10.00 7.97
CA LEU A 55 17.03 10.89 6.88
C LEU A 55 16.57 12.23 7.43
N PRO A 56 17.37 13.29 7.33
CA PRO A 56 16.85 14.61 7.67
C PRO A 56 15.84 15.03 6.64
N GLY A 57 14.84 15.76 7.10
CA GLY A 57 13.69 16.01 6.26
C GLY A 57 12.66 14.91 6.28
N ALA A 58 13.02 13.72 6.75
CA ALA A 58 12.04 12.77 7.24
C ALA A 58 11.84 13.02 8.73
N VAL A 59 10.59 13.01 9.16
CA VAL A 59 10.25 13.22 10.56
C VAL A 59 9.25 12.15 10.96
N PHE A 60 9.38 11.63 12.17
CA PHE A 60 8.52 10.55 12.65
C PHE A 60 7.49 11.08 13.63
N ILE A 61 6.24 10.68 13.42
CA ILE A 61 5.14 11.00 14.32
C ILE A 61 4.42 9.70 14.64
N LEU A 62 4.41 9.32 15.91
CA LEU A 62 3.78 8.08 16.33
C LEU A 62 2.28 8.16 16.14
N CYS A 63 1.72 7.20 15.43
CA CYS A 63 0.30 7.30 15.08
C CYS A 63 -0.25 5.98 14.56
N ASP A 64 -1.28 5.47 15.23
CA ASP A 64 -2.02 4.30 14.76
C ASP A 64 -3.20 4.82 13.95
N VAL A 65 -3.27 4.40 12.68
CA VAL A 65 -4.25 5.02 11.80
C VAL A 65 -5.66 4.53 12.09
N THR A 66 -5.81 3.51 12.93
CA THR A 66 -7.13 3.07 13.36
C THR A 66 -7.63 3.86 14.55
N GLN A 67 -6.85 4.79 15.06
CA GLN A 67 -7.21 5.56 16.24
C GLN A 67 -7.45 6.99 15.78
N GLU A 68 -8.74 7.33 15.63
CA GLU A 68 -9.11 8.61 15.06
C GLU A 68 -8.37 9.78 15.67
N ASP A 69 -8.07 9.73 16.98
CA ASP A 69 -7.35 10.85 17.59
C ASP A 69 -5.91 10.91 17.13
N ASP A 70 -5.25 9.76 16.99
CA ASP A 70 -3.88 9.75 16.46
C ASP A 70 -3.83 10.43 15.11
N VAL A 71 -4.84 10.20 14.27
CA VAL A 71 -4.85 10.76 12.92
C VAL A 71 -5.14 12.25 12.96
N LYS A 72 -6.09 12.68 13.80
CA LYS A 72 -6.30 14.12 13.95
C LYS A 72 -5.03 14.80 14.44
N THR A 73 -4.32 14.16 15.37
CA THR A 73 -3.10 14.75 15.90
C THR A 73 -1.99 14.75 14.86
N LEU A 74 -1.81 13.64 14.15
CA LEU A 74 -0.89 13.59 13.01
C LEU A 74 -1.15 14.74 12.04
N VAL A 75 -2.39 14.87 11.58
CA VAL A 75 -2.73 15.95 10.65
C VAL A 75 -2.49 17.31 11.31
N SER A 76 -2.99 17.48 12.53
CA SER A 76 -2.84 18.74 13.24
C SER A 76 -1.37 19.11 13.39
N GLU A 77 -0.52 18.14 13.71
CA GLU A 77 0.91 18.42 13.88
C GLU A 77 1.60 18.69 12.56
N THR A 78 1.18 18.02 11.48
CA THR A 78 1.84 18.25 10.21
C THR A 78 1.62 19.66 9.73
N ILE A 79 0.41 20.18 9.87
CA ILE A 79 0.15 21.55 9.44
C ILE A 79 0.85 22.53 10.38
N ARG A 80 0.70 22.31 11.69
CA ARG A 80 1.36 23.19 12.65
C ARG A 80 2.87 23.21 12.44
N ARG A 81 3.46 22.05 12.21
CA ARG A 81 4.90 21.98 12.06
C ARG A 81 5.37 22.45 10.69
N PHE A 82 4.56 22.29 9.64
CA PHE A 82 5.06 22.49 8.29
C PHE A 82 4.21 23.39 7.43
N GLY A 83 3.02 23.79 7.88
CA GLY A 83 2.26 24.82 7.22
C GLY A 83 1.56 24.40 5.95
N ARG A 84 1.69 23.14 5.54
CA ARG A 84 1.00 22.71 4.33
C ARG A 84 0.98 21.19 4.28
N LEU A 85 0.18 20.66 3.37
CA LEU A 85 0.14 19.23 3.12
C LEU A 85 -0.14 19.03 1.64
N ASP A 86 0.82 18.41 0.95
CA ASP A 86 0.75 18.24 -0.49
C ASP A 86 0.40 16.81 -0.91
N CYS A 87 0.73 15.81 -0.09
CA CYS A 87 0.63 14.44 -0.54
C CYS A 87 0.47 13.51 0.64
N VAL A 88 -0.51 12.62 0.54
CA VAL A 88 -0.79 11.58 1.52
C VAL A 88 -0.65 10.24 0.82
N VAL A 89 0.28 9.43 1.32
CA VAL A 89 0.49 8.08 0.82
C VAL A 89 -0.05 7.14 1.89
N ASN A 90 -1.26 6.62 1.68
CA ASN A 90 -1.88 5.67 2.60
C ASN A 90 -1.27 4.29 2.33
N ASN A 91 -0.28 3.92 3.14
CA ASN A 91 0.42 2.67 2.97
C ASN A 91 0.21 1.68 4.11
N ALA A 92 -0.08 2.15 5.32
CA ALA A 92 -0.27 1.27 6.46
C ALA A 92 -1.30 0.19 6.14
N GLY A 93 -0.90 -1.06 6.33
CA GLY A 93 -1.75 -2.18 5.99
C GLY A 93 -1.12 -3.46 6.49
N HIS A 94 -1.96 -4.49 6.60
CA HIS A 94 -1.51 -5.78 7.10
C HIS A 94 -2.12 -6.90 6.28
N HIS A 95 -1.36 -7.96 6.10
CA HIS A 95 -1.85 -9.18 5.45
C HIS A 95 -1.82 -10.31 6.46
N PRO A 96 -2.96 -10.86 6.85
CA PRO A 96 -2.97 -11.93 7.87
C PRO A 96 -2.33 -13.19 7.31
N PRO A 97 -2.01 -14.18 8.15
CA PRO A 97 -1.51 -15.45 7.61
C PRO A 97 -2.60 -16.11 6.79
N PRO A 98 -2.27 -17.06 5.91
CA PRO A 98 -3.30 -17.70 5.10
C PRO A 98 -4.44 -18.22 5.96
N GLN A 99 -5.65 -18.00 5.49
CA GLN A 99 -6.80 -18.50 6.24
C GLN A 99 -7.89 -18.88 5.26
N ARG A 100 -8.40 -20.10 5.39
CA ARG A 100 -9.56 -20.51 4.65
C ARG A 100 -10.77 -19.70 5.12
N PRO A 101 -11.84 -19.66 4.33
CA PRO A 101 -13.00 -18.84 4.74
C PRO A 101 -13.57 -19.21 6.11
N GLU A 102 -13.62 -20.51 6.43
CA GLU A 102 -14.13 -20.94 7.72
C GLU A 102 -13.13 -20.72 8.83
N GLU A 103 -11.93 -20.26 8.51
CA GLU A 103 -10.95 -19.89 9.52
C GLU A 103 -10.91 -18.39 9.74
N THR A 104 -11.81 -17.62 9.11
CA THR A 104 -11.93 -16.20 9.36
C THR A 104 -13.16 -15.95 10.23
N SER A 105 -13.14 -14.84 10.95
CA SER A 105 -14.28 -14.43 11.75
C SER A 105 -14.69 -13.04 11.32
N ALA A 106 -15.96 -12.70 11.53
CA ALA A 106 -16.39 -11.34 11.20
C ALA A 106 -15.62 -10.33 12.04
N GLN A 107 -15.22 -10.72 13.23
CA GLN A 107 -14.46 -9.80 14.07
C GLN A 107 -13.10 -9.53 13.45
N GLY A 108 -12.40 -10.59 13.02
CA GLY A 108 -11.12 -10.39 12.37
C GLY A 108 -11.24 -9.53 11.12
N PHE A 109 -12.22 -9.83 10.29
CA PHE A 109 -12.54 -9.03 9.11
C PHE A 109 -12.70 -7.55 9.49
N ARG A 110 -13.50 -7.27 10.53
CA ARG A 110 -13.71 -5.88 10.97
C ARG A 110 -12.40 -5.22 11.36
N GLN A 111 -11.61 -5.88 12.20
CA GLN A 111 -10.32 -5.33 12.60
C GLN A 111 -9.45 -5.05 11.37
N LEU A 112 -9.47 -5.96 10.40
CA LEU A 112 -8.66 -5.75 9.22
C LEU A 112 -9.19 -4.59 8.37
N LEU A 113 -10.51 -4.39 8.32
CA LEU A 113 -11.05 -3.23 7.63
C LEU A 113 -10.69 -1.93 8.33
N GLU A 114 -10.55 -1.96 9.65
CA GLU A 114 -10.18 -0.74 10.37
C GLU A 114 -8.84 -0.24 9.89
N LEU A 115 -7.88 -1.14 9.75
CA LEU A 115 -6.55 -0.79 9.31
C LEU A 115 -6.54 -0.51 7.81
N ASN A 116 -6.86 -1.52 7.00
CA ASN A 116 -6.56 -1.44 5.58
C ASN A 116 -7.43 -0.41 4.87
N LEU A 117 -8.67 -0.25 5.30
CA LEU A 117 -9.64 0.59 4.61
C LEU A 117 -9.96 1.86 5.39
N LEU A 118 -10.47 1.71 6.60
CA LEU A 118 -10.95 2.87 7.34
C LEU A 118 -9.81 3.76 7.81
N GLY A 119 -8.63 3.18 8.06
CA GLY A 119 -7.48 4.02 8.35
C GLY A 119 -7.14 4.91 7.18
N THR A 120 -7.11 4.33 5.97
CA THR A 120 -6.90 5.10 4.75
C THR A 120 -7.98 6.16 4.58
N TYR A 121 -9.24 5.81 4.89
CA TYR A 121 -10.35 6.76 4.74
C TYR A 121 -10.26 7.90 5.74
N THR A 122 -9.87 7.61 6.98
CA THR A 122 -9.92 8.67 7.98
C THR A 122 -8.86 9.72 7.72
N LEU A 123 -7.62 9.29 7.46
CA LEU A 123 -6.57 10.25 7.15
C LEU A 123 -6.91 11.08 5.92
N THR A 124 -7.51 10.46 4.91
CA THR A 124 -7.87 11.19 3.71
C THR A 124 -8.92 12.26 4.01
N LYS A 125 -9.95 11.90 4.78
CA LYS A 125 -10.98 12.87 5.16
C LYS A 125 -10.36 14.08 5.85
N LEU A 126 -9.53 13.83 6.87
CA LEU A 126 -8.95 14.95 7.59
C LEU A 126 -7.93 15.70 6.75
N ALA A 127 -7.29 15.03 5.78
CA ALA A 127 -6.27 15.70 4.99
C ALA A 127 -6.85 16.53 3.85
N LEU A 128 -8.03 16.17 3.35
CA LEU A 128 -8.56 16.81 2.15
C LEU A 128 -8.68 18.34 2.25
N PRO A 129 -9.09 18.95 3.37
CA PRO A 129 -9.18 20.42 3.38
C PRO A 129 -7.84 21.05 3.10
N TYR A 130 -6.77 20.42 3.57
CA TYR A 130 -5.43 20.97 3.32
C TYR A 130 -4.93 20.60 1.94
N LEU A 131 -5.28 19.41 1.44
CA LEU A 131 -4.86 19.06 0.10
C LEU A 131 -5.57 19.92 -0.93
N ARG A 132 -6.78 20.35 -0.63
CA ARG A 132 -7.48 21.24 -1.56
C ARG A 132 -6.73 22.55 -1.71
N LYS A 133 -6.32 23.16 -0.59
CA LYS A 133 -5.55 24.41 -0.64
C LYS A 133 -4.26 24.25 -1.44
N SER A 134 -3.55 23.14 -1.24
CA SER A 134 -2.29 22.93 -1.94
C SER A 134 -2.47 22.37 -3.33
N GLN A 135 -3.69 22.00 -3.71
CA GLN A 135 -3.92 21.24 -4.93
C GLN A 135 -3.07 19.97 -4.92
N GLY A 136 -3.05 19.31 -3.76
CA GLY A 136 -2.26 18.11 -3.58
C GLY A 136 -2.92 16.89 -4.19
N ASN A 137 -2.44 15.72 -3.73
CA ASN A 137 -2.93 14.45 -4.24
C ASN A 137 -2.79 13.38 -3.16
N VAL A 138 -3.53 12.30 -3.35
CA VAL A 138 -3.55 11.16 -2.45
C VAL A 138 -3.07 9.94 -3.23
N ILE A 139 -2.27 9.11 -2.58
CA ILE A 139 -1.82 7.87 -3.17
C ILE A 139 -2.12 6.75 -2.19
N ASN A 140 -2.95 5.79 -2.59
CA ASN A 140 -3.28 4.65 -1.75
C ASN A 140 -2.50 3.43 -2.23
N ILE A 141 -2.03 2.62 -1.30
CA ILE A 141 -1.28 1.42 -1.66
C ILE A 141 -2.25 0.25 -1.54
N SER A 142 -2.80 -0.17 -2.68
CA SER A 142 -3.75 -1.26 -2.67
C SER A 142 -2.99 -2.58 -2.80
N SER A 143 -3.38 -3.41 -3.76
CA SER A 143 -2.68 -4.65 -4.07
C SER A 143 -3.29 -5.25 -5.34
N LEU A 144 -2.46 -5.99 -6.09
CA LEU A 144 -2.95 -6.70 -7.26
C LEU A 144 -4.04 -7.72 -6.91
N VAL A 145 -4.04 -8.26 -5.68
CA VAL A 145 -5.05 -9.28 -5.38
C VAL A 145 -6.40 -8.64 -5.21
N GLY A 146 -6.47 -7.32 -5.00
CA GLY A 146 -7.74 -6.65 -5.05
C GLY A 146 -8.40 -6.82 -6.40
N ALA A 147 -7.60 -6.91 -7.46
CA ALA A 147 -8.07 -6.94 -8.83
C ALA A 147 -8.32 -8.37 -9.33
N ILE A 148 -7.50 -9.34 -8.94
CA ILE A 148 -7.59 -10.70 -9.48
C ILE A 148 -7.81 -11.74 -8.40
N GLY A 149 -7.98 -11.35 -7.14
CA GLY A 149 -8.19 -12.28 -6.06
C GLY A 149 -6.92 -12.97 -5.59
N GLN A 150 -7.05 -13.69 -4.49
CA GLN A 150 -5.97 -14.46 -3.90
C GLN A 150 -6.57 -15.57 -3.04
N ALA A 151 -5.91 -16.72 -3.03
CA ALA A 151 -6.35 -17.83 -2.20
C ALA A 151 -6.10 -17.55 -0.72
N GLN A 152 -7.03 -18.00 0.11
CA GLN A 152 -6.88 -18.01 1.57
C GLN A 152 -6.63 -16.62 2.11
N ALA A 153 -7.38 -15.65 1.61
CA ALA A 153 -7.17 -14.28 2.01
C ALA A 153 -8.42 -13.44 1.73
N VAL A 154 -9.59 -14.05 1.99
CA VAL A 154 -10.86 -13.36 1.76
C VAL A 154 -10.94 -12.00 2.45
N PRO A 155 -10.64 -11.86 3.74
CA PRO A 155 -10.69 -10.50 4.33
C PRO A 155 -9.71 -9.53 3.69
N TYR A 156 -8.45 -9.95 3.53
CA TYR A 156 -7.44 -9.05 2.98
C TYR A 156 -7.84 -8.60 1.58
N VAL A 157 -8.21 -9.55 0.71
CA VAL A 157 -8.60 -9.21 -0.65
C VAL A 157 -9.74 -8.21 -0.64
N ALA A 158 -10.72 -8.42 0.25
CA ALA A 158 -11.87 -7.52 0.31
C ALA A 158 -11.43 -6.10 0.66
N THR A 159 -10.54 -5.93 1.65
CA THR A 159 -10.12 -4.58 2.02
C THR A 159 -9.40 -3.90 0.86
N LYS A 160 -8.62 -4.66 0.08
CA LYS A 160 -7.88 -4.09 -1.06
C LYS A 160 -8.80 -3.82 -2.25
N GLY A 161 -9.82 -4.66 -2.47
CA GLY A 161 -10.85 -4.27 -3.43
C GLY A 161 -11.50 -2.96 -3.03
N ALA A 162 -11.71 -2.76 -1.72
CA ALA A 162 -12.30 -1.52 -1.25
C ALA A 162 -11.37 -0.34 -1.51
N VAL A 163 -10.07 -0.49 -1.17
CA VAL A 163 -9.15 0.63 -1.36
C VAL A 163 -9.11 1.07 -2.81
N THR A 164 -9.02 0.12 -3.75
CA THR A 164 -8.93 0.47 -5.17
C THR A 164 -10.18 1.18 -5.66
N ALA A 165 -11.35 0.72 -5.21
CA ALA A 165 -12.59 1.35 -5.64
C ALA A 165 -12.76 2.73 -5.00
N MET A 166 -12.47 2.83 -3.71
CA MET A 166 -12.57 4.10 -3.01
C MET A 166 -11.65 5.14 -3.63
N THR A 167 -10.49 4.71 -4.12
CA THR A 167 -9.60 5.61 -4.84
C THR A 167 -10.29 6.26 -6.02
N LYS A 168 -11.10 5.50 -6.75
CA LYS A 168 -11.79 6.06 -7.90
C LYS A 168 -12.91 6.99 -7.47
N ALA A 169 -13.63 6.63 -6.41
CA ALA A 169 -14.68 7.49 -5.86
C ALA A 169 -14.09 8.82 -5.41
N LEU A 170 -12.97 8.78 -4.68
CA LEU A 170 -12.34 10.02 -4.23
C LEU A 170 -11.85 10.84 -5.41
N ALA A 171 -11.34 10.18 -6.46
CA ALA A 171 -10.84 10.93 -7.61
C ALA A 171 -11.96 11.73 -8.24
N LEU A 172 -13.17 11.18 -8.26
CA LEU A 172 -14.29 11.93 -8.81
C LEU A 172 -14.69 13.07 -7.87
N ASP A 173 -14.84 12.77 -6.57
CA ASP A 173 -15.22 13.79 -5.60
C ASP A 173 -14.22 14.94 -5.52
N GLU A 174 -12.96 14.71 -5.86
CA GLU A 174 -11.94 15.72 -5.60
C GLU A 174 -11.39 16.36 -6.86
N SER A 175 -11.70 15.83 -8.04
CA SER A 175 -11.28 16.50 -9.26
C SER A 175 -11.77 17.94 -9.40
N PRO A 176 -12.94 18.36 -8.88
CA PRO A 176 -13.29 19.79 -8.98
C PRO A 176 -12.29 20.69 -8.29
N TYR A 177 -11.59 20.19 -7.28
CA TYR A 177 -10.54 20.94 -6.61
C TYR A 177 -9.17 20.74 -7.24
N GLY A 178 -9.06 19.99 -8.34
CA GLY A 178 -7.73 19.65 -8.82
C GLY A 178 -6.94 18.67 -7.96
N VAL A 179 -7.54 18.04 -6.97
CA VAL A 179 -6.83 17.05 -6.14
C VAL A 179 -6.93 15.71 -6.84
N ARG A 180 -5.80 15.20 -7.33
CA ARG A 180 -5.69 13.86 -7.88
C ARG A 180 -5.70 12.83 -6.74
N VAL A 181 -6.19 11.63 -7.05
CA VAL A 181 -6.29 10.53 -6.08
C VAL A 181 -6.05 9.25 -6.85
N ASN A 182 -4.95 8.55 -6.54
CA ASN A 182 -4.55 7.39 -7.32
C ASN A 182 -4.13 6.28 -6.38
N CYS A 183 -3.97 5.08 -6.94
CA CYS A 183 -3.45 3.99 -6.14
C CYS A 183 -2.40 3.20 -6.91
N ILE A 184 -1.50 2.58 -6.15
CA ILE A 184 -0.53 1.62 -6.65
C ILE A 184 -0.98 0.24 -6.21
N SER A 185 -0.97 -0.73 -7.12
CA SER A 185 -1.33 -2.10 -6.80
C SER A 185 -0.10 -2.97 -6.93
N PRO A 186 0.73 -3.08 -5.89
CA PRO A 186 1.92 -3.93 -6.02
C PRO A 186 1.52 -5.38 -6.05
N GLY A 187 2.23 -6.15 -6.87
CA GLY A 187 2.20 -7.59 -6.75
C GLY A 187 3.08 -8.06 -5.60
N ASN A 188 3.88 -9.10 -5.81
CA ASN A 188 4.75 -9.65 -4.75
C ASN A 188 5.97 -8.75 -4.56
N ILE A 189 6.02 -8.05 -3.43
CA ILE A 189 7.16 -7.18 -3.09
C ILE A 189 7.90 -7.82 -1.92
N TRP A 190 9.21 -7.98 -2.04
CA TRP A 190 9.99 -8.59 -0.96
C TRP A 190 10.11 -7.60 0.20
N THR A 191 9.42 -7.87 1.31
CA THR A 191 9.38 -7.00 2.48
C THR A 191 9.43 -7.83 3.76
N PRO A 192 9.64 -7.21 4.92
CA PRO A 192 9.54 -7.98 6.18
C PRO A 192 8.22 -8.73 6.34
N LEU A 193 7.11 -8.09 5.95
CA LEU A 193 5.81 -8.76 5.99
C LEU A 193 5.82 -10.01 5.13
N TRP A 194 6.34 -9.90 3.90
CA TRP A 194 6.46 -11.11 3.07
C TRP A 194 7.30 -12.15 3.79
N GLU A 195 8.41 -11.71 4.39
CA GLU A 195 9.30 -12.65 5.07
C GLU A 195 8.62 -13.27 6.28
N GLU A 196 7.92 -12.46 7.06
CA GLU A 196 7.24 -12.99 8.24
C GLU A 196 6.18 -14.01 7.84
N LEU A 197 5.44 -13.74 6.78
CA LEU A 197 4.41 -14.69 6.38
C LEU A 197 5.03 -15.98 5.85
N ALA A 198 6.09 -15.86 5.04
CA ALA A 198 6.74 -17.07 4.54
C ALA A 198 7.26 -17.93 5.68
N ALA A 199 7.76 -17.30 6.74
CA ALA A 199 8.32 -18.04 7.87
C ALA A 199 7.27 -18.87 8.59
N LEU A 200 5.97 -18.58 8.42
CA LEU A 200 4.91 -19.42 8.99
C LEU A 200 4.65 -20.66 8.15
N MET A 201 5.33 -20.82 7.05
CA MET A 201 5.00 -21.92 6.17
C MET A 201 5.88 -23.13 6.47
N PRO A 202 5.42 -24.33 6.12
CA PRO A 202 6.26 -25.51 6.35
C PRO A 202 7.60 -25.41 5.65
N ASP A 203 7.64 -24.79 4.48
CA ASP A 203 8.88 -24.61 3.74
C ASP A 203 8.96 -23.15 3.31
N PRO A 204 9.46 -22.28 4.18
CA PRO A 204 9.58 -20.84 3.82
C PRO A 204 10.25 -20.56 2.49
N ARG A 205 11.43 -21.13 2.25
CA ARG A 205 12.14 -20.78 1.03
C ARG A 205 11.43 -21.32 -0.21
N ALA A 206 10.78 -22.49 -0.10
CA ALA A 206 9.98 -22.94 -1.24
C ALA A 206 8.85 -21.97 -1.51
N THR A 207 8.26 -21.43 -0.45
CA THR A 207 7.17 -20.47 -0.60
C THR A 207 7.67 -19.18 -1.23
N ILE A 208 8.79 -18.67 -0.75
CA ILE A 208 9.42 -17.51 -1.38
C ILE A 208 9.73 -17.81 -2.85
N ARG A 209 10.17 -19.03 -3.14
CA ARG A 209 10.47 -19.33 -4.54
C ARG A 209 9.20 -19.29 -5.40
N GLU A 210 8.09 -19.82 -4.88
CA GLU A 210 6.84 -19.72 -5.61
C GLU A 210 6.41 -18.26 -5.76
N GLY A 211 6.74 -17.42 -4.78
CA GLY A 211 6.49 -16.00 -4.91
C GLY A 211 7.23 -15.38 -6.08
N MET A 212 8.49 -15.78 -6.28
CA MET A 212 9.28 -15.24 -7.39
C MET A 212 8.81 -15.80 -8.73
N LEU A 213 8.50 -17.09 -8.78
CA LEU A 213 8.03 -17.68 -10.02
C LEU A 213 6.65 -17.15 -10.43
N ALA A 214 5.95 -16.46 -9.54
CA ALA A 214 4.64 -15.95 -9.93
C ALA A 214 4.74 -14.80 -10.93
N GLN A 215 5.95 -14.25 -11.15
CA GLN A 215 6.16 -13.15 -12.07
C GLN A 215 6.86 -13.61 -13.32
N PRO A 216 6.35 -13.26 -14.50
CA PRO A 216 7.14 -13.46 -15.72
C PRO A 216 8.56 -12.93 -15.61
N LEU A 217 8.76 -11.85 -14.86
CA LEU A 217 10.11 -11.32 -14.69
C LEU A 217 10.99 -12.21 -13.83
N GLY A 218 10.40 -13.13 -13.07
CA GLY A 218 11.18 -14.10 -12.34
C GLY A 218 11.70 -13.68 -11.00
N ARG A 219 11.22 -12.57 -10.46
CA ARG A 219 11.64 -12.09 -9.15
C ARG A 219 10.45 -11.38 -8.52
N MET A 220 10.56 -11.10 -7.22
CA MET A 220 9.68 -10.16 -6.56
C MET A 220 10.18 -8.73 -6.79
N GLY A 221 9.28 -7.76 -6.55
CA GLY A 221 9.66 -6.37 -6.60
C GLY A 221 10.35 -5.92 -5.33
N GLN A 222 10.87 -4.70 -5.37
CA GLN A 222 11.50 -4.08 -4.23
C GLN A 222 10.71 -2.89 -3.74
N PRO A 223 10.80 -2.55 -2.45
CA PRO A 223 10.15 -1.31 -1.99
C PRO A 223 10.58 -0.07 -2.77
N ALA A 224 11.86 0.03 -3.15
CA ALA A 224 12.31 1.19 -3.90
C ALA A 224 11.51 1.36 -5.20
N GLU A 225 11.07 0.26 -5.80
CA GLU A 225 10.38 0.35 -7.09
C GLU A 225 8.96 0.86 -6.92
N VAL A 226 8.29 0.48 -5.84
CA VAL A 226 7.03 1.11 -5.47
C VAL A 226 7.24 2.57 -5.10
N GLY A 227 8.36 2.87 -4.43
CA GLY A 227 8.66 4.26 -4.09
C GLY A 227 8.80 5.14 -5.32
N ALA A 228 9.48 4.64 -6.35
CA ALA A 228 9.56 5.39 -7.60
C ALA A 228 8.17 5.58 -8.20
N ALA A 229 7.35 4.53 -8.20
CA ALA A 229 6.00 4.67 -8.75
C ALA A 229 5.22 5.73 -8.00
N ALA A 230 5.35 5.77 -6.66
CA ALA A 230 4.66 6.80 -5.87
C ALA A 230 5.17 8.20 -6.21
N VAL A 231 6.48 8.36 -6.34
CA VAL A 231 6.99 9.69 -6.61
C VAL A 231 6.58 10.15 -7.99
N PHE A 232 6.48 9.22 -8.94
CA PHE A 232 5.97 9.54 -10.27
C PHE A 232 4.51 10.01 -10.18
N LEU A 233 3.69 9.29 -9.44
CA LEU A 233 2.28 9.68 -9.34
C LEU A 233 2.16 11.08 -8.76
N ALA A 234 2.91 11.38 -7.70
CA ALA A 234 2.74 12.65 -7.02
C ALA A 234 3.34 13.80 -7.84
N SER A 235 4.46 13.56 -8.53
CA SER A 235 5.24 14.66 -9.06
C SER A 235 5.17 14.85 -10.57
N GLU A 236 4.68 13.87 -11.32
CA GLU A 236 4.77 13.97 -12.78
C GLU A 236 3.57 13.42 -13.50
N ALA A 237 2.52 13.03 -12.79
CA ALA A 237 1.36 12.43 -13.42
C ALA A 237 0.17 13.36 -13.24
N ASN A 238 0.34 14.60 -13.67
CA ASN A 238 -0.69 15.60 -13.39
C ASN A 238 -1.96 15.39 -14.19
N PHE A 239 -1.94 14.55 -15.22
CA PHE A 239 -3.15 14.17 -15.93
C PHE A 239 -3.64 12.78 -15.51
N CYS A 240 -3.14 12.22 -14.41
CA CYS A 240 -3.58 10.94 -13.89
C CYS A 240 -4.43 11.12 -12.64
N THR A 241 -5.64 10.58 -12.66
CA THR A 241 -6.43 10.50 -11.44
C THR A 241 -7.32 9.26 -11.49
N GLY A 242 -7.45 8.59 -10.35
CA GLY A 242 -8.25 7.39 -10.28
C GLY A 242 -7.65 6.18 -10.97
N ILE A 243 -6.37 6.19 -11.29
CA ILE A 243 -5.76 5.09 -11.99
C ILE A 243 -5.29 4.06 -10.98
N GLU A 244 -5.11 2.84 -11.47
CA GLU A 244 -4.52 1.76 -10.68
C GLU A 244 -3.20 1.39 -11.34
N LEU A 245 -2.10 1.80 -10.73
CA LEU A 245 -0.79 1.57 -11.30
C LEU A 245 -0.25 0.23 -10.80
N LEU A 246 -0.02 -0.69 -11.72
CA LEU A 246 0.38 -2.04 -11.37
C LEU A 246 1.89 -2.10 -11.24
N VAL A 247 2.36 -2.53 -10.07
CA VAL A 247 3.77 -2.81 -9.87
C VAL A 247 3.89 -4.29 -9.50
N THR A 248 3.84 -5.15 -10.51
CA THR A 248 3.59 -6.56 -10.29
C THR A 248 4.52 -7.50 -11.04
N GLY A 249 5.49 -6.99 -11.80
CA GLY A 249 6.33 -7.91 -12.54
C GLY A 249 5.59 -8.75 -13.55
N GLY A 250 4.39 -8.32 -13.95
CA GLY A 250 3.63 -9.05 -14.93
C GLY A 250 2.84 -10.20 -14.39
N ALA A 251 2.73 -10.33 -13.06
CA ALA A 251 2.06 -11.49 -12.48
C ALA A 251 0.66 -11.72 -13.06
N GLU A 252 -0.05 -10.66 -13.47
CA GLU A 252 -1.42 -10.84 -13.93
C GLU A 252 -1.51 -11.37 -15.37
N LEU A 253 -0.39 -11.64 -16.02
CA LEU A 253 -0.38 -11.88 -17.45
C LEU A 253 -0.25 -13.37 -17.75
N GLY A 254 -0.85 -13.78 -18.86
CA GLY A 254 -0.67 -15.13 -19.34
C GLY A 254 -1.25 -16.20 -18.45
N TYR A 255 -1.25 -17.44 -18.92
CA TYR A 255 -1.70 -18.59 -18.15
C TYR A 255 -0.64 -19.02 -17.14
N GLY A 256 -1.08 -19.68 -16.06
CA GLY A 256 -0.18 -20.20 -15.05
C GLY A 256 -0.78 -21.39 -14.31
N CYS A 257 -0.09 -21.87 -13.28
N CYS A 257 -0.07 -21.88 -13.31
CA CYS A 257 -0.56 -23.01 -12.51
CA CYS A 257 -0.56 -23.02 -12.53
C CYS A 257 -1.54 -22.52 -11.45
C CYS A 257 -1.53 -22.49 -11.48
N LYS A 258 -2.83 -22.66 -11.72
CA LYS A 258 -3.85 -22.13 -10.83
C LYS A 258 -4.66 -23.18 -10.08
N ALA A 259 -4.69 -24.43 -10.54
CA ALA A 259 -5.46 -25.47 -9.86
C ALA A 259 -4.70 -25.91 -8.62
N SER A 260 -5.35 -25.83 -7.46
CA SER A 260 -4.61 -25.89 -6.20
C SER A 260 -4.29 -27.33 -5.80
N ARG A 261 -3.34 -27.46 -4.86
CA ARG A 261 -2.77 -28.76 -4.50
C ARG A 261 -3.79 -29.69 -3.84
N SER A 262 -4.94 -29.19 -3.41
CA SER A 262 -6.04 -30.03 -2.96
C SER A 262 -7.24 -29.97 -3.91
N THR A 263 -7.07 -29.39 -5.10
CA THR A 263 -8.15 -29.31 -6.08
C THR A 263 -8.15 -30.56 -6.93
N PRO A 264 -9.19 -31.39 -6.85
CA PRO A 264 -9.31 -32.52 -7.79
C PRO A 264 -9.11 -32.14 -9.24
N VAL A 265 -8.13 -32.75 -9.89
CA VAL A 265 -7.88 -32.58 -11.32
C VAL A 265 -7.85 -33.95 -11.96
N ASP A 266 -8.66 -34.14 -13.00
CA ASP A 266 -8.67 -35.37 -13.78
C ASP A 266 -7.36 -35.52 -14.54
N ALA A 267 -7.10 -36.73 -15.03
CA ALA A 267 -5.96 -36.95 -15.91
C ALA A 267 -6.21 -36.31 -17.30
N PRO A 268 -5.16 -36.03 -18.06
CA PRO A 268 -5.33 -35.33 -19.33
C PRO A 268 -6.03 -36.12 -20.44
N ASP A 269 -6.71 -37.22 -20.11
CA ASP A 269 -7.52 -37.88 -21.12
C ASP A 269 -9.00 -37.48 -21.04
N ILE A 270 -9.42 -36.82 -19.98
CA ILE A 270 -10.75 -36.21 -19.88
C ILE A 270 -10.50 -34.73 -19.63
N PRO A 271 -10.13 -33.94 -20.65
CA PRO A 271 -9.63 -32.58 -20.37
C PRO A 271 -10.70 -31.63 -19.87
N SER A 272 -11.96 -31.79 -20.30
CA SER A 272 -13.03 -30.86 -19.99
C SER A 272 -14.17 -31.50 -19.20
N GLY A 273 -13.86 -32.51 -18.37
CA GLY A 273 -14.83 -33.11 -17.48
C GLY A 273 -15.71 -34.14 -18.14
PA NAD B . 5.23 -4.30 6.34
O1A NAD B . 4.63 -5.15 7.39
O2A NAD B . 6.61 -4.83 5.94
O5B NAD B . 5.25 -2.76 6.82
C5B NAD B . 3.99 -2.14 7.15
C4B NAD B . 4.24 -0.98 8.08
O4B NAD B . 2.97 -0.42 8.47
C3B NAD B . 4.98 -1.33 9.37
O3B NAD B . 5.98 -0.37 9.66
C2B NAD B . 3.85 -1.34 10.41
O2B NAD B . 4.26 -1.06 11.75
C1B NAD B . 2.96 -0.22 9.86
N9A NAD B . 1.59 -0.29 10.34
C8A NAD B . 0.82 -1.43 10.48
N7A NAD B . -0.34 -1.22 11.05
C5A NAD B . -0.35 0.14 11.30
C6A NAD B . -1.28 1.00 11.91
N6A NAD B . -2.44 0.57 12.43
N1A NAD B . -0.97 2.31 12.01
C2A NAD B . 0.19 2.73 11.52
N3A NAD B . 1.16 2.02 10.93
C4A NAD B . 0.83 0.73 10.85
O3 NAD B . 4.33 -4.36 5.03
PN NAD B . 4.63 -4.25 3.47
O1N NAD B . 4.84 -5.61 2.89
O2N NAD B . 5.66 -3.22 3.25
O5D NAD B . 3.22 -3.72 2.96
C5D NAD B . 2.91 -2.31 3.11
C4D NAD B . 1.62 -2.04 2.37
O4D NAD B . 1.71 -2.56 1.02
C3D NAD B . 0.40 -2.70 3.00
O3D NAD B . -0.69 -1.79 2.92
C2D NAD B . 0.21 -3.96 2.14
O2D NAD B . -1.13 -4.43 2.06
C1D NAD B . 0.63 -3.42 0.79
N1N NAD B . 1.08 -4.51 -0.18
C2N NAD B . 2.16 -5.25 0.10
C3N NAD B . 2.54 -6.28 -0.75
C7N NAD B . 3.74 -7.15 -0.55
O7N NAD B . 4.01 -8.03 -1.40
N7N NAD B . 4.49 -6.93 0.54
C4N NAD B . 1.76 -6.52 -1.89
C5N NAD B . 0.66 -5.74 -2.15
C6N NAD B . 0.34 -4.72 -1.28
C1 PEG C . 15.77 -14.90 3.06
O1 PEG C . 16.45 -14.53 1.87
C2 PEG C . 15.11 -16.25 2.93
O2 PEG C . 14.61 -16.65 4.20
C3 PEG C . 14.47 -18.05 4.34
C4 PEG C . 14.89 -18.48 5.71
O4 PEG C . 14.94 -19.91 5.85
C1' SAL D . -0.31 -9.23 -1.61
O1' SAL D . -1.26 -8.35 -1.36
O2' SAL D . -0.11 -9.78 -2.70
C1 SAL D . 0.58 -9.50 -0.45
C2 SAL D . 1.33 -10.70 -0.37
C3 SAL D . 2.16 -10.92 0.73
C4 SAL D . 2.23 -9.96 1.73
C5 SAL D . 1.49 -8.80 1.67
C6 SAL D . 0.66 -8.55 0.60
O2 SAL D . 1.29 -11.65 -1.35
O1 PG4 E . -5.57 -7.05 -14.32
C1 PG4 E . -5.99 -5.72 -14.36
C2 PG4 E . -5.65 -4.98 -13.14
O2 PG4 E . -6.19 -3.67 -13.21
C3 PG4 E . -5.43 -2.74 -13.94
C4 PG4 E . -6.27 -1.97 -14.88
O3 PG4 E . -5.51 -1.05 -15.63
C5 PG4 E . -5.92 -0.92 -16.98
C6 PG4 E . -7.19 -0.20 -17.11
O4 PG4 E . -7.70 -0.24 -18.42
C7 PG4 E . -8.87 0.54 -18.60
C8 PG4 E . -9.81 0.33 -17.48
O5 PG4 E . -10.98 1.06 -17.62
#